data_5B8D
#
_entry.id   5B8D
#
_cell.length_a   41.434
_cell.length_b   44.157
_cell.length_c   56.549
_cell.angle_alpha   90.000
_cell.angle_beta   90.000
_cell.angle_gamma   90.000
#
_symmetry.space_group_name_H-M   'P 21 21 21'
#
loop_
_entity.id
_entity.type
_entity.pdbx_description
1 polymer 'Histone deacetylase 6'
2 non-polymer 'ZINC ION'
3 non-polymer 'FORMIC ACID'
4 non-polymer ~{N}-(4-methyl-1,3-thiazol-2-yl)ethanamide
5 non-polymer 'UNKNOWN ATOM OR ION'
6 non-polymer 'SODIUM ION'
7 water water
#
_entity_poly.entity_id   1
_entity_poly.type   'polypeptide(L)'
_entity_poly.pdbx_seq_one_letter_code
;GSPLPWCPHLVAVCPIPAAGLDVTQPCGDCGTIQENWVCLSCYQVYCGRYINGHMLQHHGNSGHPLVLSYIDLSAWCYYC
QAYVHHQALLDVKNIAHQNKFGEDMPH
;
_entity_poly.pdbx_strand_id   A
#
# COMPACT_ATOMS: atom_id res chain seq x y z
N PRO A 3 -16.44 2.83 4.30
CA PRO A 3 -15.11 3.42 4.48
C PRO A 3 -15.07 4.77 5.22
N LEU A 4 -14.01 4.99 5.99
CA LEU A 4 -13.90 6.20 6.81
C LEU A 4 -13.51 7.41 5.97
N PRO A 5 -14.04 8.61 6.30
CA PRO A 5 -13.61 9.84 5.61
C PRO A 5 -12.32 10.52 6.18
N TRP A 6 -11.71 9.89 7.19
CA TRP A 6 -10.50 10.39 7.86
C TRP A 6 -10.04 9.29 8.81
N CYS A 7 -8.73 9.27 9.15
CA CYS A 7 -8.33 8.47 10.31
C CYS A 7 -7.13 9.16 10.95
N PRO A 8 -6.85 8.82 12.22
CA PRO A 8 -5.79 9.50 12.94
C PRO A 8 -4.33 9.17 12.50
N HIS A 9 -4.19 8.28 11.53
CA HIS A 9 -2.88 7.85 11.01
C HIS A 9 -2.50 8.49 9.66
N LEU A 10 -3.38 9.33 9.07
CA LEU A 10 -3.04 10.07 7.82
C LEU A 10 -1.77 10.93 7.93
N VAL A 11 -1.49 11.38 9.16
CA VAL A 11 -0.25 12.10 9.43
C VAL A 11 1.04 11.34 9.07
N ALA A 12 0.98 10.01 8.95
CA ALA A 12 2.14 9.16 8.61
C ALA A 12 2.35 8.96 7.09
N VAL A 13 1.44 9.51 6.26
CA VAL A 13 1.58 9.41 4.79
C VAL A 13 2.68 10.39 4.36
N CYS A 14 3.72 9.88 3.69
CA CYS A 14 4.94 10.65 3.37
C CYS A 14 4.97 11.04 1.90
N PRO A 15 5.89 11.98 1.54
CA PRO A 15 5.97 12.43 0.15
C PRO A 15 6.28 11.30 -0.83
N ILE A 16 5.65 11.38 -2.00
CA ILE A 16 5.82 10.39 -3.05
C ILE A 16 7.23 10.53 -3.62
N PRO A 17 7.97 9.43 -3.71
CA PRO A 17 9.34 9.49 -4.28
C PRO A 17 9.34 10.09 -5.71
N ALA A 18 10.40 10.84 -6.04
CA ALA A 18 10.58 11.37 -7.39
C ALA A 18 10.72 10.25 -8.42
N ALA A 19 11.09 9.03 -7.99
CA ALA A 19 11.14 7.86 -8.86
C ALA A 19 9.76 7.40 -9.33
N GLY A 20 8.70 7.87 -8.65
CA GLY A 20 7.33 7.46 -8.97
C GLY A 20 6.99 6.07 -8.41
N LEU A 21 5.85 5.54 -8.84
CA LEU A 21 5.36 4.21 -8.42
C LEU A 21 5.42 3.24 -9.59
N ASP A 22 5.68 1.96 -9.29
CA ASP A 22 5.63 0.86 -10.29
C ASP A 22 4.62 -0.19 -9.77
N VAL A 23 3.41 -0.19 -10.34
CA VAL A 23 2.36 -1.10 -9.86
C VAL A 23 2.65 -2.57 -10.15
N THR A 24 3.65 -2.86 -11.01
CA THR A 24 4.09 -4.25 -11.30
C THR A 24 5.30 -4.72 -10.44
N GLN A 25 5.72 -3.91 -9.46
CA GLN A 25 6.88 -4.25 -8.63
C GLN A 25 6.59 -5.53 -7.81
N PRO A 26 7.56 -6.46 -7.71
CA PRO A 26 7.34 -7.70 -6.92
C PRO A 26 7.47 -7.46 -5.39
N CYS A 27 6.99 -8.44 -4.61
CA CYS A 27 7.17 -8.44 -3.14
C CYS A 27 8.68 -8.39 -2.81
N GLY A 28 9.08 -7.47 -1.93
CA GLY A 28 10.50 -7.35 -1.52
C GLY A 28 11.07 -8.53 -0.76
N ASP A 29 10.21 -9.39 -0.19
N ASP A 29 10.20 -9.41 -0.21
CA ASP A 29 10.65 -10.58 0.55
CA ASP A 29 10.64 -10.57 0.54
C ASP A 29 10.64 -11.82 -0.37
C ASP A 29 10.62 -11.85 -0.31
N CYS A 30 9.47 -12.21 -0.89
CA CYS A 30 9.34 -13.48 -1.63
C CYS A 30 9.36 -13.38 -3.17
N GLY A 31 9.34 -12.15 -3.71
CA GLY A 31 9.40 -11.96 -5.15
C GLY A 31 8.13 -12.23 -5.93
N THR A 32 6.99 -12.53 -5.28
CA THR A 32 5.75 -12.79 -6.02
CA THR A 32 5.78 -12.82 -6.05
CA THR A 32 5.77 -12.81 -6.05
C THR A 32 5.22 -11.54 -6.72
N ILE A 33 4.52 -11.73 -7.83
N ILE A 33 4.58 -11.75 -7.88
CA ILE A 33 3.92 -10.60 -8.55
CA ILE A 33 3.86 -10.71 -8.65
C ILE A 33 2.39 -10.50 -8.33
C ILE A 33 2.35 -10.98 -8.62
N GLN A 34 1.78 -11.38 -7.52
N GLN A 34 1.90 -11.39 -7.43
CA GLN A 34 0.30 -11.67 -7.52
CA GLN A 34 0.51 -11.46 -7.11
C GLN A 34 -0.75 -10.70 -6.89
C GLN A 34 0.14 -10.62 -5.88
N GLU A 35 -0.56 -10.31 -5.62
N GLU A 35 -0.87 -9.77 -6.05
CA GLU A 35 -1.45 -9.38 -4.88
CA GLU A 35 -1.56 -9.19 -4.91
C GLU A 35 -0.67 -8.44 -3.91
C GLU A 35 -0.54 -8.55 -3.96
N ASN A 36 0.08 -7.49 -4.47
CA ASN A 36 0.99 -6.63 -3.69
C ASN A 36 0.35 -5.29 -3.30
N TRP A 37 0.88 -4.77 -2.19
CA TRP A 37 0.55 -3.46 -1.62
C TRP A 37 1.83 -2.62 -1.57
N VAL A 38 1.66 -1.28 -1.58
CA VAL A 38 2.80 -0.34 -1.32
C VAL A 38 2.54 0.41 0.01
N CYS A 39 3.58 0.52 0.85
CA CYS A 39 3.47 1.23 2.13
C CYS A 39 3.53 2.76 1.88
N LEU A 40 2.56 3.51 2.42
CA LEU A 40 2.48 4.97 2.20
C LEU A 40 3.38 5.79 3.11
N SER A 41 4.15 5.12 3.99
CA SER A 41 5.21 5.77 4.77
C SER A 41 6.58 5.67 4.10
N CYS A 42 7.05 4.47 3.72
CA CYS A 42 8.42 4.34 3.15
C CYS A 42 8.47 3.72 1.73
N TYR A 43 7.29 3.44 1.13
CA TYR A 43 7.20 3.08 -0.30
C TYR A 43 7.88 1.76 -0.69
N GLN A 44 8.05 0.86 0.30
CA GLN A 44 8.39 -0.54 0.06
C GLN A 44 7.12 -1.33 -0.34
N VAL A 45 7.32 -2.40 -1.12
CA VAL A 45 6.24 -3.22 -1.73
C VAL A 45 6.29 -4.64 -1.18
N TYR A 46 5.15 -5.14 -0.65
CA TYR A 46 5.07 -6.49 -0.02
C TYR A 46 3.69 -7.11 -0.30
N CYS A 47 3.64 -8.46 -0.27
CA CYS A 47 2.42 -9.20 -0.66
C CYS A 47 1.31 -9.21 0.41
N GLY A 48 0.09 -9.47 -0.07
CA GLY A 48 -1.11 -9.49 0.78
C GLY A 48 -1.27 -10.76 1.63
N ARG A 49 -2.28 -10.70 2.51
CA ARG A 49 -2.48 -11.75 3.51
C ARG A 49 -2.85 -13.12 2.91
N TYR A 50 -3.43 -13.13 1.71
CA TYR A 50 -3.82 -14.40 1.06
C TYR A 50 -2.66 -15.06 0.30
N ILE A 51 -1.54 -14.33 0.12
CA ILE A 51 -0.32 -14.86 -0.51
C ILE A 51 0.59 -15.36 0.65
N ASN A 52 1.65 -14.62 1.00
CA ASN A 52 2.54 -15.01 2.10
C ASN A 52 2.55 -14.00 3.26
N GLY A 53 1.68 -12.97 3.23
CA GLY A 53 1.50 -12.10 4.40
C GLY A 53 2.67 -11.17 4.70
N HIS A 54 3.45 -10.79 3.70
CA HIS A 54 4.65 -9.96 3.98
C HIS A 54 4.32 -8.49 4.30
N MET A 55 3.20 -7.94 3.78
CA MET A 55 2.85 -6.55 4.18
C MET A 55 2.37 -6.51 5.64
N LEU A 56 1.62 -7.52 6.08
N LEU A 56 1.60 -7.52 6.07
CA LEU A 56 1.24 -7.58 7.51
CA LEU A 56 1.25 -7.68 7.49
C LEU A 56 2.50 -7.71 8.39
C LEU A 56 2.49 -7.72 8.38
N GLN A 57 3.49 -8.50 7.95
CA GLN A 57 4.77 -8.61 8.68
CA GLN A 57 4.77 -8.60 8.66
C GLN A 57 5.48 -7.24 8.73
N HIS A 58 5.49 -6.51 7.61
CA HIS A 58 6.09 -5.15 7.57
C HIS A 58 5.39 -4.20 8.54
N HIS A 59 4.05 -4.20 8.56
CA HIS A 59 3.33 -3.37 9.55
C HIS A 59 3.79 -3.74 10.99
N GLY A 60 3.94 -5.04 11.27
CA GLY A 60 4.35 -5.44 12.61
C GLY A 60 5.75 -4.98 12.99
N ASN A 61 6.71 -5.02 12.04
CA ASN A 61 8.11 -4.68 12.33
C ASN A 61 8.49 -3.20 12.19
N SER A 62 7.60 -2.37 11.61
CA SER A 62 7.79 -0.92 11.44
C SER A 62 6.77 -0.05 12.19
N GLY A 63 5.57 -0.58 12.43
CA GLY A 63 4.44 0.24 12.89
C GLY A 63 3.77 1.11 11.84
N HIS A 64 4.21 1.06 10.57
CA HIS A 64 3.64 1.95 9.55
C HIS A 64 2.16 1.59 9.33
N PRO A 65 1.26 2.60 9.28
CA PRO A 65 -0.20 2.31 9.38
C PRO A 65 -0.94 1.96 8.07
N LEU A 66 -0.62 2.72 7.01
CA LEU A 66 -1.48 2.80 5.79
C LEU A 66 -0.79 2.23 4.56
N VAL A 67 -1.52 1.40 3.81
CA VAL A 67 -1.01 0.72 2.61
C VAL A 67 -2.04 0.85 1.46
N LEU A 68 -1.51 0.88 0.23
CA LEU A 68 -2.30 1.06 -1.01
C LEU A 68 -2.24 -0.21 -1.88
N SER A 69 -3.41 -0.70 -2.33
CA SER A 69 -3.48 -1.96 -3.11
C SER A 69 -3.12 -1.70 -4.58
N TYR A 70 -2.21 -2.53 -5.12
CA TYR A 70 -1.92 -2.50 -6.57
C TYR A 70 -2.92 -3.31 -7.41
N ILE A 71 -3.90 -3.99 -6.76
CA ILE A 71 -5.03 -4.61 -7.48
C ILE A 71 -6.13 -3.58 -7.78
N ASP A 72 -6.54 -2.81 -6.76
CA ASP A 72 -7.76 -1.96 -6.91
C ASP A 72 -7.66 -0.55 -6.34
N LEU A 73 -6.45 -0.14 -5.88
CA LEU A 73 -6.21 1.24 -5.40
C LEU A 73 -7.00 1.60 -4.12
N SER A 74 -7.47 0.59 -3.37
CA SER A 74 -7.99 0.84 -2.03
CA SER A 74 -7.99 0.78 -2.01
C SER A 74 -6.85 1.11 -1.03
N ALA A 75 -7.13 1.93 0.00
CA ALA A 75 -6.15 2.25 1.07
C ALA A 75 -6.68 1.67 2.39
N TRP A 76 -5.86 0.81 3.03
CA TRP A 76 -6.22 0.13 4.29
C TRP A 76 -5.34 0.64 5.44
N CYS A 77 -5.97 0.88 6.60
CA CYS A 77 -5.25 1.19 7.86
C CYS A 77 -5.28 -0.03 8.78
N TYR A 78 -4.08 -0.54 9.12
CA TYR A 78 -3.96 -1.72 10.01
C TYR A 78 -4.38 -1.44 11.47
N TYR A 79 -4.27 -0.18 11.92
CA TYR A 79 -4.71 0.20 13.30
C TYR A 79 -6.25 0.29 13.39
N CYS A 80 -6.83 1.06 12.46
CA CYS A 80 -8.30 1.26 12.44
C CYS A 80 -9.04 0.02 11.92
N GLN A 81 -8.34 -0.88 11.22
CA GLN A 81 -8.98 -2.05 10.58
CA GLN A 81 -8.97 -2.04 10.57
C GLN A 81 -10.14 -1.59 9.70
N ALA A 82 -9.84 -0.65 8.81
CA ALA A 82 -10.83 -0.03 7.92
C ALA A 82 -10.15 0.53 6.67
N TYR A 83 -10.93 0.63 5.59
CA TYR A 83 -10.52 1.41 4.42
C TYR A 83 -10.75 2.91 4.70
N VAL A 84 -9.92 3.76 4.10
CA VAL A 84 -9.94 5.23 4.31
C VAL A 84 -9.96 5.95 2.96
N HIS A 85 -10.77 7.02 2.88
N HIS A 85 -10.72 7.02 2.85
CA HIS A 85 -10.85 7.98 1.74
CA HIS A 85 -10.47 7.93 1.76
C HIS A 85 -10.58 9.39 2.29
C HIS A 85 -10.54 9.35 2.25
N HIS A 86 -9.63 10.14 1.70
CA HIS A 86 -9.41 11.53 2.13
C HIS A 86 -8.64 12.27 1.03
N GLN A 87 -8.80 13.60 0.97
CA GLN A 87 -8.04 14.43 0.05
C GLN A 87 -6.53 14.17 0.08
N ALA A 88 -5.98 13.86 1.26
CA ALA A 88 -4.55 13.56 1.43
C ALA A 88 -4.05 12.34 0.65
N LEU A 89 -4.96 11.45 0.24
CA LEU A 89 -4.63 10.24 -0.53
C LEU A 89 -4.79 10.43 -2.06
N LEU A 90 -5.36 11.56 -2.52
CA LEU A 90 -5.67 11.69 -3.95
C LEU A 90 -4.43 11.72 -4.85
N ASP A 91 -3.37 12.44 -4.47
CA ASP A 91 -2.23 12.55 -5.37
C ASP A 91 -1.58 11.15 -5.59
N VAL A 92 -1.38 10.37 -4.50
CA VAL A 92 -0.75 9.03 -4.66
C VAL A 92 -1.68 8.08 -5.44
N LYS A 93 -2.99 8.10 -5.16
CA LYS A 93 -3.90 7.24 -5.94
C LYS A 93 -3.91 7.62 -7.43
N ASN A 94 -3.86 8.92 -7.75
CA ASN A 94 -3.88 9.36 -9.16
C ASN A 94 -2.57 8.93 -9.88
N ILE A 95 -1.40 9.03 -9.22
CA ILE A 95 -0.12 8.57 -9.80
CA ILE A 95 -0.14 8.56 -9.81
C ILE A 95 -0.17 7.04 -10.04
N ALA A 96 -0.69 6.28 -9.05
CA ALA A 96 -0.85 4.81 -9.23
C ALA A 96 -1.81 4.48 -10.39
N HIS A 97 -2.94 5.21 -10.47
CA HIS A 97 -3.93 4.99 -11.54
C HIS A 97 -3.33 5.21 -12.94
N GLN A 98 -2.54 6.30 -13.07
CA GLN A 98 -1.86 6.61 -14.35
C GLN A 98 -0.88 5.49 -14.74
N ASN A 99 -0.11 4.98 -13.77
CA ASN A 99 0.89 3.91 -14.04
CA ASN A 99 0.83 3.90 -14.09
C ASN A 99 0.18 2.58 -14.40
N LYS A 100 -0.92 2.27 -13.71
CA LYS A 100 -1.64 1.00 -13.92
C LYS A 100 -2.42 0.96 -15.24
N PHE A 101 -3.18 2.03 -15.53
CA PHE A 101 -4.14 2.00 -16.62
C PHE A 101 -3.69 2.78 -17.86
N GLY A 102 -2.67 3.61 -17.73
#